data_7RT5
#
_entry.id   7RT5
#
_cell.length_a   39.865
_cell.length_b   51.935
_cell.length_c   88.658
_cell.angle_alpha   90.000
_cell.angle_beta   90.000
_cell.angle_gamma   90.000
#
_symmetry.space_group_name_H-M   'P 21 21 21'
#
loop_
_entity.id
_entity.type
_entity.pdbx_description
1 polymer 'Isoform 2B of GTPase KRas'
2 non-polymer "GUANOSINE-5'-DIPHOSPHATE"
3 non-polymer 4-[(1R,5S)-3,8-diazabicyclo[3.2.1]octan-3-yl]-7-(8-ethynyl-7-fluoronaphthalen-1-yl)-8-fluoro-2-{[(4s,7as)-tetrahydro-1H-pyrrolizin-7a(5H)-yl]methoxy}pyrido[4,3-d]pyrimidine
4 non-polymer 'MAGNESIUM ION'
5 water water
#
_entity_poly.entity_id   1
_entity_poly.type   'polypeptide(L)'
_entity_poly.pdbx_seq_one_letter_code
;GMTEYKLVVVGADGVGKSALTIQLIQNHFVDEYDPTIEDSYRKQVVIDGETSLLDILDTAGQEEYSAMRDQYMRTGEGFL
LVFAINNTKSFEDIHHYREQIKRVKDSEDVPMVLVGNKSDLPSRTVDTKQAQDLARSYGIPFIETSAKTRQGVDDAFYTL
VREIRKHKEK
;
_entity_poly.pdbx_strand_id   A
#
loop_
_chem_comp.id
_chem_comp.type
_chem_comp.name
_chem_comp.formula
7OE non-polymer 4-[(1R,5S)-3,8-diazabicyclo[3.2.1]octan-3-yl]-7-(8-ethynyl-7-fluoronaphthalen-1-yl)-8-fluoro-2-{[(4s,7as)-tetrahydro-1H-pyrrolizin-7a(5H)-yl]methoxy}pyrido[4,3-d]pyrimidine 'C33 H32 F2 N6 O'
GDP RNA linking GUANOSINE-5'-DIPHOSPHATE 'C10 H15 N5 O11 P2'
MG non-polymer 'MAGNESIUM ION' 'Mg 2'
#
# COMPACT_ATOMS: atom_id res chain seq x y z
N MET A 2 -9.00 20.28 6.79
CA MET A 2 -9.13 19.33 5.68
C MET A 2 -7.83 19.22 4.87
N THR A 3 -7.28 18.02 4.78
CA THR A 3 -5.99 17.80 4.17
C THR A 3 -6.17 16.77 3.07
N GLU A 4 -5.46 16.95 1.95
CA GLU A 4 -5.37 15.95 0.89
C GLU A 4 -4.06 15.15 1.00
N TYR A 5 -4.14 13.85 0.76
CA TYR A 5 -2.97 12.97 0.83
C TYR A 5 -2.89 12.15 -0.45
N LYS A 6 -1.70 12.09 -1.04
CA LYS A 6 -1.45 11.25 -2.23
C LYS A 6 -0.86 9.93 -1.75
N LEU A 7 -1.68 8.92 -1.76
CA LEU A 7 -1.30 7.58 -1.33
C LEU A 7 -1.07 6.71 -2.55
N VAL A 8 -0.12 5.79 -2.48
CA VAL A 8 0.21 4.91 -3.61
C VAL A 8 0.26 3.48 -3.11
N VAL A 9 -0.40 2.59 -3.81
CA VAL A 9 -0.48 1.17 -3.44
C VAL A 9 0.40 0.43 -4.42
N VAL A 10 1.48 -0.20 -3.93
CA VAL A 10 2.45 -0.89 -4.77
C VAL A 10 2.62 -2.32 -4.32
N GLY A 11 3.29 -3.10 -5.18
CA GLY A 11 3.53 -4.52 -4.96
C GLY A 11 3.23 -5.33 -6.22
N ALA A 12 3.59 -6.62 -6.11
CA ALA A 12 3.51 -7.54 -7.24
C ALA A 12 2.11 -7.72 -7.80
N ASP A 13 2.03 -8.17 -9.05
CA ASP A 13 0.72 -8.50 -9.60
C ASP A 13 0.04 -9.56 -8.72
N GLY A 14 -1.26 -9.39 -8.54
CA GLY A 14 -2.06 -10.41 -7.87
C GLY A 14 -2.05 -10.36 -6.37
N VAL A 15 -1.41 -9.38 -5.74
CA VAL A 15 -1.37 -9.39 -4.27
C VAL A 15 -2.65 -8.85 -3.65
N GLY A 16 -3.46 -8.18 -4.44
CA GLY A 16 -4.67 -7.57 -3.95
C GLY A 16 -4.69 -6.05 -3.84
N LYS A 17 -3.84 -5.34 -4.59
CA LYS A 17 -3.85 -3.87 -4.56
C LYS A 17 -5.18 -3.33 -4.98
N SER A 18 -5.75 -3.84 -6.07
CA SER A 18 -7.02 -3.28 -6.52
C SER A 18 -8.13 -3.70 -5.55
N ALA A 19 -8.11 -4.95 -5.08
CA ALA A 19 -9.14 -5.39 -4.14
C ALA A 19 -9.09 -4.55 -2.86
N LEU A 20 -7.90 -4.27 -2.37
CA LEU A 20 -7.80 -3.42 -1.19
C LEU A 20 -8.35 -2.02 -1.45
N THR A 21 -7.99 -1.43 -2.57
CA THR A 21 -8.46 -0.08 -2.90
C THR A 21 -9.98 -0.03 -3.03
N ILE A 22 -10.56 -1.00 -3.74
CA ILE A 22 -12.02 -1.03 -3.89
C ILE A 22 -12.72 -1.32 -2.57
N GLN A 23 -12.11 -2.11 -1.67
CA GLN A 23 -12.73 -2.28 -0.37
C GLN A 23 -12.80 -0.96 0.35
N LEU A 24 -11.72 -0.21 0.35
CA LEU A 24 -11.73 1.06 1.06
C LEU A 24 -12.79 1.98 0.47
N ILE A 25 -12.84 2.08 -0.85
CA ILE A 25 -13.74 3.08 -1.48
C ILE A 25 -15.20 2.61 -1.53
N GLN A 26 -15.48 1.33 -1.70
CA GLN A 26 -16.83 0.85 -1.99
C GLN A 26 -17.38 -0.12 -0.96
N ASN A 27 -16.53 -0.59 -0.04
CA ASN A 27 -17.00 -1.49 1.03
C ASN A 27 -17.52 -2.80 0.46
N HIS A 28 -16.88 -3.27 -0.60
CA HIS A 28 -17.10 -4.64 -0.98
C HIS A 28 -15.89 -5.17 -1.69
N PHE A 29 -15.93 -6.49 -1.84
CA PHE A 29 -14.81 -7.26 -2.34
C PHE A 29 -15.10 -7.48 -3.81
N VAL A 30 -14.27 -6.93 -4.65
CA VAL A 30 -14.38 -7.12 -6.09
C VAL A 30 -13.47 -8.31 -6.45
N ASP A 31 -14.08 -9.38 -6.95
CA ASP A 31 -13.40 -10.62 -7.32
C ASP A 31 -12.99 -10.67 -8.79
N GLU A 32 -12.95 -9.52 -9.46
CA GLU A 32 -12.58 -9.42 -10.85
C GLU A 32 -12.36 -7.96 -11.15
N TYR A 33 -11.14 -7.49 -10.93
CA TYR A 33 -10.76 -6.14 -11.33
C TYR A 33 -9.63 -6.28 -12.32
N ASP A 34 -9.80 -5.70 -13.47
CA ASP A 34 -8.89 -5.84 -14.57
C ASP A 34 -7.44 -5.74 -14.11
N PRO A 35 -6.61 -6.78 -14.25
CA PRO A 35 -5.29 -6.75 -13.63
C PRO A 35 -4.34 -5.76 -14.24
N THR A 36 -4.66 -5.26 -15.43
CA THR A 36 -3.74 -4.41 -16.18
C THR A 36 -3.95 -2.92 -15.89
N ILE A 37 -5.04 -2.56 -15.23
CA ILE A 37 -5.48 -1.16 -15.19
C ILE A 37 -4.99 -0.47 -13.95
N GLU A 38 -4.28 0.63 -14.17
CA GLU A 38 -3.78 1.52 -13.11
C GLU A 38 -4.73 2.72 -13.09
N ASP A 39 -5.26 3.03 -11.92
CA ASP A 39 -6.24 4.09 -11.81
C ASP A 39 -6.12 4.67 -10.42
N SER A 40 -6.79 5.80 -10.21
CA SER A 40 -6.83 6.44 -8.90
CA SER A 40 -6.81 6.53 -8.94
C SER A 40 -8.25 6.78 -8.51
N TYR A 41 -8.44 6.88 -7.18
CA TYR A 41 -9.74 7.07 -6.57
C TYR A 41 -9.62 7.95 -5.34
N ARG A 42 -10.59 8.81 -5.10
CA ARG A 42 -10.62 9.58 -3.85
C ARG A 42 -11.58 8.93 -2.85
N LYS A 43 -11.16 8.90 -1.59
CA LYS A 43 -12.00 8.56 -0.42
C LYS A 43 -11.92 9.74 0.52
N GLN A 44 -13.02 10.29 0.89
CA GLN A 44 -13.04 11.36 1.87
C GLN A 44 -13.47 10.76 3.21
N VAL A 45 -12.65 10.92 4.25
CA VAL A 45 -12.95 10.28 5.53
C VAL A 45 -12.39 11.16 6.63
N VAL A 46 -12.94 11.07 7.82
CA VAL A 46 -12.44 11.76 8.99
C VAL A 46 -11.52 10.78 9.73
N ILE A 47 -10.26 11.14 9.93
CA ILE A 47 -9.27 10.31 10.59
C ILE A 47 -8.76 11.07 11.79
N ASP A 48 -9.03 10.53 13.01
CA ASP A 48 -8.63 11.21 14.25
C ASP A 48 -9.12 12.64 14.23
N GLY A 49 -10.35 12.84 13.75
CA GLY A 49 -10.98 14.13 13.81
C GLY A 49 -10.73 15.07 12.65
N GLU A 50 -9.81 14.75 11.75
CA GLU A 50 -9.45 15.63 10.63
C GLU A 50 -10.04 15.06 9.34
N THR A 51 -10.82 15.87 8.63
CA THR A 51 -11.31 15.46 7.32
C THR A 51 -10.16 15.30 6.35
N SER A 52 -10.10 14.15 5.73
CA SER A 52 -8.98 13.76 4.93
C SER A 52 -9.46 13.37 3.55
N LEU A 53 -8.80 13.92 2.51
CA LEU A 53 -9.10 13.56 1.12
C LEU A 53 -8.00 12.63 0.69
N LEU A 54 -8.28 11.35 0.64
CA LEU A 54 -7.24 10.40 0.27
C LEU A 54 -7.32 10.17 -1.23
N ASP A 55 -6.29 10.50 -1.96
CA ASP A 55 -6.19 10.21 -3.39
C ASP A 55 -5.28 9.01 -3.54
N ILE A 56 -5.86 7.90 -3.94
CA ILE A 56 -5.20 6.61 -3.88
C ILE A 56 -4.87 6.15 -5.28
N LEU A 57 -3.59 5.98 -5.59
CA LEU A 57 -3.15 5.41 -6.87
C LEU A 57 -2.98 3.89 -6.72
N ASP A 58 -3.78 3.12 -7.47
CA ASP A 58 -3.69 1.66 -7.49
C ASP A 58 -2.83 1.30 -8.68
N THR A 59 -1.55 0.96 -8.40
CA THR A 59 -0.61 0.77 -9.51
C THR A 59 -0.85 -0.56 -10.25
N ALA A 60 -0.47 -0.57 -11.52
CA ALA A 60 -0.66 -1.78 -12.35
C ALA A 60 0.08 -1.58 -13.64
N GLY A 61 0.08 -2.59 -14.50
CA GLY A 61 0.51 -2.45 -15.91
C GLY A 61 1.94 -2.88 -16.09
N GLN A 62 2.50 -2.46 -17.20
CA GLN A 62 3.86 -2.87 -17.56
C GLN A 62 4.86 -2.17 -16.68
N GLU A 63 5.95 -2.91 -16.41
CA GLU A 63 7.02 -2.36 -15.62
C GLU A 63 7.81 -1.42 -16.53
N GLU A 64 7.81 -0.14 -16.22
CA GLU A 64 8.51 0.82 -17.03
C GLU A 64 9.02 1.94 -16.13
N TYR A 65 10.09 2.57 -16.56
CA TYR A 65 10.87 3.49 -15.74
C TYR A 65 11.11 4.78 -16.49
N SER A 66 10.10 5.27 -17.18
CA SER A 66 10.23 6.56 -17.84
C SER A 66 10.44 7.67 -16.81
N ALA A 67 11.17 8.71 -17.23
CA ALA A 67 11.39 9.89 -16.39
C ALA A 67 10.07 10.47 -15.90
N MET A 68 9.05 10.40 -16.75
CA MET A 68 7.71 10.84 -16.35
C MET A 68 7.17 10.00 -15.20
N ARG A 69 7.34 8.67 -15.25
CA ARG A 69 6.84 7.82 -14.18
C ARG A 69 7.58 8.10 -12.87
N ASP A 70 8.89 8.36 -12.94
CA ASP A 70 9.63 8.70 -11.73
C ASP A 70 9.08 9.97 -11.12
N GLN A 71 8.87 10.99 -11.95
CA GLN A 71 8.39 12.26 -11.43
C GLN A 71 7.01 12.12 -10.80
N TYR A 72 6.12 11.40 -11.46
CA TYR A 72 4.81 11.13 -10.89
C TYR A 72 4.91 10.36 -9.57
N MET A 73 5.70 9.27 -9.53
CA MET A 73 5.78 8.52 -8.28
C MET A 73 6.36 9.38 -7.17
N ARG A 74 7.26 10.30 -7.50
CA ARG A 74 7.85 11.20 -6.52
C ARG A 74 6.81 12.07 -5.84
N THR A 75 5.66 12.32 -6.47
CA THR A 75 4.62 13.09 -5.80
C THR A 75 3.84 12.27 -4.76
N GLY A 76 3.97 10.95 -4.75
CA GLY A 76 3.32 10.20 -3.69
C GLY A 76 3.86 10.58 -2.34
N GLU A 77 2.97 10.70 -1.36
CA GLU A 77 3.34 11.09 0.00
C GLU A 77 3.50 9.91 0.91
N GLY A 78 2.82 8.81 0.63
CA GLY A 78 3.00 7.58 1.39
C GLY A 78 2.66 6.41 0.52
N PHE A 79 3.23 5.24 0.88
CA PHE A 79 3.12 4.05 0.04
C PHE A 79 2.71 2.87 0.88
N LEU A 80 1.76 2.08 0.39
CA LEU A 80 1.50 0.76 0.93
C LEU A 80 2.31 -0.25 0.15
N LEU A 81 3.16 -0.98 0.84
CA LEU A 81 3.98 -2.04 0.27
C LEU A 81 3.24 -3.35 0.46
N VAL A 82 2.50 -3.77 -0.56
CA VAL A 82 1.58 -4.92 -0.43
C VAL A 82 2.23 -6.20 -0.92
N PHE A 83 2.18 -7.24 -0.10
CA PHE A 83 2.47 -8.61 -0.57
C PHE A 83 1.32 -9.49 -0.14
N ALA A 84 1.29 -10.75 -0.63
CA ALA A 84 0.23 -11.65 -0.23
C ALA A 84 0.85 -12.75 0.58
N ILE A 85 0.17 -13.17 1.66
CA ILE A 85 0.79 -14.13 2.59
C ILE A 85 0.92 -15.53 2.03
N ASN A 86 0.27 -15.80 0.88
CA ASN A 86 0.36 -17.07 0.19
C ASN A 86 1.30 -17.02 -0.98
N ASN A 87 2.13 -15.99 -1.10
CA ASN A 87 2.96 -15.82 -2.31
C ASN A 87 4.34 -15.29 -1.86
N THR A 88 5.29 -16.21 -1.70
CA THR A 88 6.63 -15.83 -1.22
C THR A 88 7.30 -14.85 -2.18
N LYS A 89 7.16 -15.06 -3.50
CA LYS A 89 7.79 -14.15 -4.45
C LYS A 89 7.32 -12.71 -4.23
N SER A 90 6.02 -12.53 -3.96
CA SER A 90 5.51 -11.18 -3.71
C SER A 90 6.18 -10.55 -2.48
N PHE A 91 6.48 -11.35 -1.44
CA PHE A 91 7.17 -10.84 -0.26
C PHE A 91 8.62 -10.51 -0.60
N GLU A 92 9.27 -11.38 -1.36
CA GLU A 92 10.64 -11.11 -1.77
C GLU A 92 10.75 -9.84 -2.63
N ASP A 93 9.73 -9.54 -3.42
CA ASP A 93 9.72 -8.33 -4.25
C ASP A 93 9.55 -7.03 -3.46
N ILE A 94 9.18 -7.08 -2.18
CA ILE A 94 8.99 -5.85 -1.41
C ILE A 94 10.25 -5.01 -1.42
N HIS A 95 11.42 -5.63 -1.31
CA HIS A 95 12.66 -4.85 -1.30
C HIS A 95 12.75 -3.95 -2.54
N HIS A 96 12.44 -4.51 -3.71
CA HIS A 96 12.47 -3.72 -4.94
C HIS A 96 11.54 -2.51 -4.83
N TYR A 97 10.29 -2.72 -4.44
CA TYR A 97 9.39 -1.56 -4.41
C TYR A 97 9.87 -0.51 -3.42
N ARG A 98 10.31 -0.94 -2.23
CA ARG A 98 10.85 0.02 -1.27
C ARG A 98 12.04 0.79 -1.83
N GLU A 99 12.95 0.12 -2.56
CA GLU A 99 14.09 0.85 -3.10
C GLU A 99 13.69 1.78 -4.22
N GLN A 100 12.67 1.44 -5.01
CA GLN A 100 12.26 2.38 -6.07
C GLN A 100 11.64 3.64 -5.47
N ILE A 101 10.90 3.49 -4.39
CA ILE A 101 10.35 4.63 -3.67
C ILE A 101 11.49 5.50 -3.14
N LYS A 102 12.48 4.87 -2.48
CA LYS A 102 13.60 5.65 -1.95
C LYS A 102 14.36 6.33 -3.08
N ARG A 103 14.48 5.63 -4.21
CA ARG A 103 15.23 6.15 -5.36
C ARG A 103 14.60 7.43 -5.89
N VAL A 104 13.27 7.47 -6.05
CA VAL A 104 12.64 8.64 -6.67
C VAL A 104 12.42 9.76 -5.64
N LYS A 105 12.27 9.42 -4.36
CA LYS A 105 12.00 10.43 -3.35
C LYS A 105 13.28 11.02 -2.79
N ASP A 106 14.42 10.42 -3.10
CA ASP A 106 15.72 10.90 -2.66
C ASP A 106 15.70 11.07 -1.15
N SER A 107 15.21 10.04 -0.48
CA SER A 107 15.01 10.08 0.95
C SER A 107 15.01 8.66 1.50
N GLU A 108 15.64 8.51 2.67
CA GLU A 108 15.59 7.29 3.46
C GLU A 108 14.37 7.23 4.38
N ASP A 109 13.63 8.33 4.54
CA ASP A 109 12.46 8.43 5.44
C ASP A 109 11.29 8.86 4.56
N VAL A 110 10.67 7.88 3.95
CA VAL A 110 9.41 8.07 3.23
C VAL A 110 8.32 7.32 3.98
N PRO A 111 7.16 7.90 4.22
CA PRO A 111 6.09 7.17 4.88
C PRO A 111 5.70 5.93 4.07
N MET A 112 5.69 4.79 4.74
CA MET A 112 5.33 3.50 4.15
C MET A 112 4.75 2.61 5.20
N VAL A 113 3.88 1.69 4.78
CA VAL A 113 3.36 0.64 5.64
C VAL A 113 3.47 -0.69 4.87
N LEU A 114 3.98 -1.70 5.55
CA LEU A 114 4.04 -3.05 4.98
C LEU A 114 2.67 -3.70 5.21
N VAL A 115 2.08 -4.26 4.14
CA VAL A 115 0.73 -4.86 4.17
C VAL A 115 0.81 -6.33 3.73
N GLY A 116 0.46 -7.24 4.63
CA GLY A 116 0.35 -8.65 4.31
C GLY A 116 -1.09 -8.99 4.02
N ASN A 117 -1.42 -9.06 2.75
CA ASN A 117 -2.81 -9.25 2.33
C ASN A 117 -3.14 -10.73 2.15
N LYS A 118 -4.44 -11.01 1.98
CA LYS A 118 -4.97 -12.38 1.82
C LYS A 118 -4.87 -13.18 3.11
N SER A 119 -4.97 -12.47 4.25
CA SER A 119 -4.83 -13.14 5.55
CA SER A 119 -4.85 -13.09 5.57
C SER A 119 -5.99 -14.05 5.87
N ASP A 120 -7.07 -14.03 5.09
CA ASP A 120 -8.15 -14.99 5.25
C ASP A 120 -7.82 -16.38 4.71
N LEU A 121 -6.72 -16.53 3.91
CA LEU A 121 -6.44 -17.80 3.27
C LEU A 121 -5.60 -18.71 4.14
N PRO A 122 -5.81 -20.02 4.06
CA PRO A 122 -5.00 -20.94 4.89
C PRO A 122 -3.64 -21.29 4.31
N SER A 123 -3.42 -21.03 3.03
CA SER A 123 -2.26 -21.48 2.30
C SER A 123 -1.09 -20.51 2.53
N ARG A 124 -0.77 -20.22 3.80
CA ARG A 124 0.29 -19.25 4.11
C ARG A 124 1.67 -19.81 3.81
N THR A 125 2.48 -19.03 3.12
CA THR A 125 3.90 -19.34 2.92
C THR A 125 4.84 -18.26 3.44
N VAL A 126 4.32 -17.12 3.86
CA VAL A 126 5.12 -16.04 4.46
C VAL A 126 4.72 -15.97 5.93
N ASP A 127 5.68 -16.17 6.81
CA ASP A 127 5.35 -16.13 8.23
C ASP A 127 5.12 -14.70 8.70
N THR A 128 4.18 -14.52 9.64
CA THR A 128 4.01 -13.21 10.26
C THR A 128 5.32 -12.69 10.83
N LYS A 129 6.11 -13.55 11.46
CA LYS A 129 7.40 -13.11 12.01
C LYS A 129 8.35 -12.60 10.92
N GLN A 130 8.37 -13.22 9.76
CA GLN A 130 9.19 -12.72 8.65
C GLN A 130 8.80 -11.29 8.32
N ALA A 131 7.51 -11.05 8.19
CA ALA A 131 7.01 -9.74 7.84
C ALA A 131 7.30 -8.71 8.95
N GLN A 132 7.12 -9.12 10.19
CA GLN A 132 7.44 -8.22 11.32
C GLN A 132 8.91 -7.87 11.30
N ASP A 133 9.79 -8.86 11.07
CA ASP A 133 11.22 -8.57 11.06
C ASP A 133 11.56 -7.61 9.93
N LEU A 134 10.94 -7.78 8.78
CA LEU A 134 11.24 -6.91 7.65
C LEU A 134 10.77 -5.49 7.96
N ALA A 135 9.53 -5.35 8.46
CA ALA A 135 9.02 -4.03 8.78
C ALA A 135 9.86 -3.37 9.87
N ARG A 136 10.30 -4.14 10.87
CA ARG A 136 11.18 -3.58 11.89
C ARG A 136 12.46 -3.06 11.24
N SER A 137 13.05 -3.84 10.34
CA SER A 137 14.30 -3.42 9.70
C SER A 137 14.11 -2.15 8.87
N TYR A 138 12.93 -1.92 8.35
CA TYR A 138 12.64 -0.71 7.57
C TYR A 138 12.18 0.44 8.45
N GLY A 139 11.85 0.15 9.70
CA GLY A 139 11.32 1.16 10.60
C GLY A 139 9.89 1.56 10.30
N ILE A 140 9.04 0.66 9.82
CA ILE A 140 7.69 1.01 9.37
C ILE A 140 6.68 0.05 10.01
N PRO A 141 5.41 0.42 10.07
CA PRO A 141 4.40 -0.52 10.58
C PRO A 141 4.14 -1.67 9.62
N PHE A 142 3.67 -2.76 10.19
CA PHE A 142 3.19 -3.93 9.45
C PHE A 142 1.73 -4.18 9.84
N ILE A 143 0.86 -4.32 8.82
CA ILE A 143 -0.57 -4.55 9.02
C ILE A 143 -1.01 -5.75 8.18
N GLU A 144 -1.68 -6.68 8.83
CA GLU A 144 -2.27 -7.85 8.17
C GLU A 144 -3.66 -7.48 7.66
N THR A 145 -3.92 -7.77 6.38
CA THR A 145 -5.20 -7.41 5.81
C THR A 145 -5.83 -8.59 5.08
N SER A 146 -7.14 -8.46 4.90
CA SER A 146 -7.86 -9.27 3.91
C SER A 146 -8.79 -8.34 3.15
N ALA A 147 -8.55 -8.17 1.85
CA ALA A 147 -9.50 -7.44 1.05
C ALA A 147 -10.81 -8.18 0.93
N LYS A 148 -10.80 -9.50 1.14
CA LYS A 148 -12.03 -10.28 1.04
C LYS A 148 -12.98 -9.96 2.19
N THR A 149 -12.44 -9.92 3.43
CA THR A 149 -13.33 -9.77 4.59
C THR A 149 -13.29 -8.34 5.12
N ARG A 150 -12.38 -7.51 4.61
CA ARG A 150 -12.11 -6.14 5.08
C ARG A 150 -11.25 -6.11 6.34
N GLN A 151 -10.81 -7.22 6.87
CA GLN A 151 -9.89 -7.20 8.02
C GLN A 151 -8.71 -6.28 7.71
N GLY A 152 -8.44 -5.34 8.62
CA GLY A 152 -7.25 -4.50 8.54
C GLY A 152 -7.26 -3.43 7.48
N VAL A 153 -8.24 -3.35 6.60
CA VAL A 153 -8.12 -2.43 5.46
C VAL A 153 -8.07 -0.97 5.95
N ASP A 154 -9.04 -0.55 6.78
CA ASP A 154 -8.98 0.83 7.25
C ASP A 154 -7.70 1.07 8.02
N ASP A 155 -7.29 0.12 8.84
CA ASP A 155 -6.08 0.27 9.62
C ASP A 155 -4.89 0.52 8.71
N ALA A 156 -4.75 -0.23 7.62
CA ALA A 156 -3.61 -0.04 6.74
C ALA A 156 -3.57 1.38 6.18
N PHE A 157 -4.67 1.87 5.62
CA PHE A 157 -4.69 3.21 5.04
C PHE A 157 -4.57 4.29 6.10
N TYR A 158 -5.28 4.17 7.21
CA TYR A 158 -5.23 5.21 8.24
C TYR A 158 -3.88 5.24 8.93
N THR A 159 -3.26 4.09 9.12
CA THR A 159 -1.91 4.07 9.65
C THR A 159 -0.95 4.78 8.69
N LEU A 160 -1.12 4.62 7.39
CA LEU A 160 -0.27 5.33 6.46
C LEU A 160 -0.46 6.84 6.58
N VAL A 161 -1.70 7.30 6.70
CA VAL A 161 -1.96 8.72 6.93
C VAL A 161 -1.26 9.21 8.19
N ARG A 162 -1.35 8.45 9.28
CA ARG A 162 -0.67 8.83 10.51
C ARG A 162 0.84 8.88 10.32
N GLU A 163 1.41 7.99 9.55
CA GLU A 163 2.83 8.04 9.25
C GLU A 163 3.19 9.29 8.46
N ILE A 164 2.35 9.69 7.50
CA ILE A 164 2.60 10.95 6.79
C ILE A 164 2.56 12.15 7.74
N ARG A 165 1.57 12.18 8.67
CA ARG A 165 1.50 13.29 9.60
C ARG A 165 2.74 13.35 10.45
N LYS A 166 3.24 12.20 10.91
CA LYS A 166 4.45 12.23 11.71
C LYS A 166 5.62 12.70 10.88
N HIS A 167 5.68 12.31 9.62
CA HIS A 167 6.79 12.74 8.77
C HIS A 167 6.79 14.24 8.61
N LYS A 168 5.62 14.85 8.47
CA LYS A 168 5.54 16.28 8.28
C LYS A 168 6.11 17.03 9.47
N GLU A 169 6.00 16.47 10.67
CA GLU A 169 6.49 17.14 11.86
C GLU A 169 7.94 16.85 12.25
N LYS A 170 8.63 15.95 11.53
CA LYS A 170 10.05 15.70 11.78
C LYS A 170 10.88 16.95 11.53
PB GDP B . -3.60 -6.73 -7.91
O1B GDP B . -3.03 -7.36 -9.16
O2B GDP B . -2.57 -6.53 -6.86
O3B GDP B . -4.48 -5.52 -8.17
O3A GDP B . -4.58 -7.87 -7.22
PA GDP B . -6.17 -8.02 -7.37
O1A GDP B . -6.52 -8.02 -8.79
O2A GDP B . -6.84 -7.07 -6.51
O5' GDP B . -6.35 -9.48 -6.74
C5' GDP B . -5.82 -10.67 -7.36
C4' GDP B . -6.70 -11.85 -7.01
O4' GDP B . -6.61 -12.13 -5.60
C3' GDP B . -8.16 -11.69 -7.34
O3' GDP B . -8.71 -12.98 -7.71
C2' GDP B . -8.74 -11.25 -6.03
O2' GDP B . -10.13 -11.53 -5.86
C1' GDP B . -7.91 -12.05 -5.05
N9 GDP B . -7.75 -11.39 -3.76
C8 GDP B . -7.34 -10.10 -3.56
N7 GDP B . -7.28 -9.80 -2.24
C5 GDP B . -7.71 -10.94 -1.61
C6 GDP B . -7.83 -11.33 -0.21
O6 GDP B . -7.53 -10.53 0.74
N1 GDP B . -8.24 -12.56 0.01
C2 GDP B . -8.54 -13.50 -0.95
N2 GDP B . -8.95 -14.70 -0.57
N3 GDP B . -8.41 -13.22 -2.27
C4 GDP B . -7.99 -11.96 -2.59
C15 7OE C . 3.30 -4.66 -10.57
C14 7OE C . 4.05 -5.82 -11.22
C16 7OE C . 8.61 2.72 -11.78
C17 7OE C . 9.37 3.89 -11.55
C13 7OE C . 4.92 -4.76 -13.39
C12 7OE C . 3.86 -5.65 -12.73
C11 7OE C . 2.72 -3.86 -11.77
C10 7OE C . 3.73 -2.81 -12.30
C01 7OE C . 6.59 -1.82 -11.65
C02 7OE C . 7.75 -1.64 -10.88
C03 7OE C . 8.09 -3.92 -10.92
C04 7OE C . 6.22 -3.17 -11.96
C05 7OE C . 5.92 -0.66 -12.12
C06 7OE C . 7.37 0.80 -11.00
C07 7OE C . 8.09 -0.32 -10.60
C08 7OE C . 7.93 2.12 -10.74
C09 7OE C . 8.51 -6.29 -10.95
C18 7OE C . 9.43 4.47 -10.30
C19 7OE C . 8.79 3.84 -9.24
C20 7OE C . 7.95 2.72 -9.46
C21 7OE C . 8.86 4.46 -7.97
C22 7OE C . 8.19 3.95 -6.91
C23 7OE C . 7.40 2.82 -7.14
C24 7OE C . 7.23 2.20 -8.36
C25 7OE C . 9.77 -7.14 -10.77
C26 7OE C . 10.38 -7.02 -9.35
C27 7OE C . 11.86 -6.87 -9.56
C28 7OE C . 11.94 -6.09 -10.86
C29 7OE C . 11.33 -7.79 -12.53
C30 7OE C . 10.11 -8.66 -12.62
C31 7OE C . 9.43 -8.58 -11.21
C32 7OE C . 6.30 1.08 -8.38
C33 7OE C . 5.53 0.17 -8.37
F01 7OE C . 9.21 -0.20 -9.77
F23 7OE C . 6.73 2.32 -6.05
N01 7OE C . 8.51 -2.73 -10.51
N02 7OE C . 6.99 -4.21 -11.64
N03 7OE C . 6.35 0.58 -11.83
N04 7OE C . 5.06 -3.49 -12.65
N05 7OE C . 2.54 -4.91 -12.80
N06 7OE C . 10.84 -6.67 -11.70
O01 7OE C . 8.91 -4.92 -10.63
MG MG D . -4.88 -4.39 -9.84
#